data_8EHZ
#
_entry.id   8EHZ
#
_cell.length_a   63.209
_cell.length_b   63.209
_cell.length_c   69.816
_cell.angle_alpha   90.000
_cell.angle_beta   90.000
_cell.angle_gamma   120.000
#
_symmetry.space_group_name_H-M   'P 32'
#
loop_
_entity.id
_entity.type
_entity.pdbx_description
1 polymer H317
2 polymer 'E3 ubiquitin-protein ligase CHIP'
3 non-polymer "N,N'-(1,4-phenylene)diacetamide"
4 water water
#
loop_
_entity_poly.entity_id
_entity_poly.type
_entity_poly.pdbx_seq_one_letter_code
_entity_poly.pdbx_strand_id
1 'polypeptide(L)' (ACE)CWEAWLLCET(NH2) C,D
2 'polypeptide(L)'
;GAMGSEKSPSAQELKEQGNRLFVGRKYPEAAACYGRAITRNPLVAVYYTNRALCYLKMQQHEQALADCRRALELDGQSVK
AHFFLGQCQLEMESYDEAIANLQRAYSLAKEQRLNFGDDIPSALRIAKKKRWNSIEERR
;
A,B
#
# COMPACT_ATOMS: atom_id res chain seq x y z
N CYS A 2 5.97 -16.91 2.32
CA CYS A 2 6.91 -17.10 3.43
C CYS A 2 7.37 -15.76 3.98
N TRP A 3 6.55 -14.72 3.82
CA TRP A 3 6.92 -13.39 4.30
C TRP A 3 7.06 -13.37 5.81
N GLU A 4 6.36 -14.27 6.51
CA GLU A 4 6.55 -14.38 7.96
C GLU A 4 7.94 -14.90 8.29
N ALA A 5 8.41 -15.91 7.55
CA ALA A 5 9.73 -16.46 7.81
C ALA A 5 10.81 -15.41 7.63
N TRP A 6 10.70 -14.60 6.58
CA TRP A 6 11.66 -13.51 6.39
C TRP A 6 11.56 -12.48 7.50
N LEU A 7 10.34 -12.15 7.90
CA LEU A 7 10.13 -11.14 8.94
C LEU A 7 10.81 -11.53 10.24
N LEU A 8 10.63 -12.79 10.67
CA LEU A 8 11.21 -13.26 11.91
C LEU A 8 12.69 -13.58 11.78
N CYS A 9 13.23 -13.64 10.56
CA CYS A 9 14.63 -13.97 10.35
C CYS A 9 15.53 -12.85 10.86
N GLU A 10 16.42 -13.17 11.79
CA GLU A 10 17.32 -12.19 12.40
C GLU A 10 18.78 -12.57 12.27
N THR A 11 19.10 -13.49 11.36
CA THR A 11 20.47 -13.99 11.24
C THR A 11 21.24 -13.22 10.18
N CYS B 2 -23.49 0.37 -0.72
CA CYS B 2 -23.02 -0.97 -0.99
C CYS B 2 -21.60 -0.91 -1.53
N TRP B 3 -20.62 -1.24 -0.70
CA TRP B 3 -19.22 -1.06 -1.07
C TRP B 3 -18.89 -1.72 -2.40
N GLU B 4 -19.35 -2.97 -2.58
CA GLU B 4 -19.05 -3.68 -3.81
C GLU B 4 -19.70 -3.01 -5.01
N ALA B 5 -20.86 -2.36 -4.81
CA ALA B 5 -21.50 -1.64 -5.90
C ALA B 5 -20.69 -0.41 -6.29
N TRP B 6 -20.23 0.36 -5.30
CA TRP B 6 -19.38 1.50 -5.58
C TRP B 6 -18.05 1.08 -6.21
N LEU B 7 -17.48 -0.05 -5.74
CA LEU B 7 -16.20 -0.50 -6.26
C LEU B 7 -16.28 -0.78 -7.77
N LEU B 8 -17.35 -1.45 -8.21
CA LEU B 8 -17.49 -1.82 -9.60
C LEU B 8 -18.03 -0.69 -10.47
N CYS B 9 -18.43 0.44 -9.87
CA CYS B 9 -18.99 1.54 -10.61
C CYS B 9 -17.88 2.31 -11.31
N GLU B 10 -17.96 2.38 -12.64
CA GLU B 10 -16.95 3.06 -13.45
C GLU B 10 -17.57 4.13 -14.35
N THR B 11 -18.80 4.54 -14.06
CA THR B 11 -19.48 5.54 -14.88
C THR B 11 -19.10 6.95 -14.44
N LYS C 7 6.57 3.03 32.84
CA LYS C 7 7.84 2.65 32.23
C LYS C 7 7.85 3.01 30.75
N SER C 8 8.54 2.19 29.94
CA SER C 8 8.71 2.42 28.52
C SER C 8 9.23 1.13 27.88
N PRO C 9 8.67 0.70 26.75
CA PRO C 9 9.04 -0.60 26.20
C PRO C 9 10.45 -0.59 25.63
N SER C 10 11.10 -1.75 25.73
CA SER C 10 12.42 -1.92 25.16
C SER C 10 12.37 -1.91 23.63
N ALA C 11 13.55 -1.80 23.02
CA ALA C 11 13.62 -1.87 21.57
C ALA C 11 13.17 -3.23 21.06
N GLN C 12 13.52 -4.29 21.79
CA GLN C 12 13.09 -5.63 21.40
C GLN C 12 11.57 -5.75 21.44
N GLU C 13 10.94 -5.21 22.47
CA GLU C 13 9.48 -5.27 22.56
C GLU C 13 8.81 -4.44 21.47
N LEU C 14 9.44 -3.33 21.07
CA LEU C 14 8.91 -2.55 19.96
C LEU C 14 9.02 -3.31 18.64
N LYS C 15 10.15 -3.99 18.43
CA LYS C 15 10.27 -4.82 17.23
C LYS C 15 9.23 -5.92 17.22
N GLU C 16 9.01 -6.57 18.37
CA GLU C 16 8.02 -7.63 18.45
C GLU C 16 6.62 -7.10 18.19
N GLN C 17 6.29 -5.93 18.77
CA GLN C 17 5.00 -5.33 18.51
C GLN C 17 4.85 -4.95 17.04
N GLY C 18 5.92 -4.41 16.44
CA GLY C 18 5.87 -4.10 15.02
C GLY C 18 5.68 -5.34 14.16
N ASN C 19 6.37 -6.43 14.51
CA ASN C 19 6.18 -7.70 13.81
C ASN C 19 4.72 -8.14 13.86
N ARG C 20 4.06 -7.93 15.00
CA ARG C 20 2.67 -8.35 15.14
C ARG C 20 1.75 -7.50 14.27
N LEU C 21 2.00 -6.18 14.21
CA LEU C 21 1.18 -5.31 13.37
C LEU C 21 1.39 -5.60 11.89
N PHE C 22 2.60 -6.03 11.51
CA PHE C 22 2.84 -6.40 10.12
C PHE C 22 1.98 -7.58 9.70
N VAL C 23 2.01 -8.67 10.47
CA VAL C 23 1.11 -9.78 10.21
C VAL C 23 -0.34 -9.29 10.28
N GLY C 24 -0.62 -8.39 11.21
CA GLY C 24 -1.92 -7.76 11.33
C GLY C 24 -2.28 -6.80 10.22
N ARG C 25 -1.37 -6.58 9.26
CA ARG C 25 -1.66 -5.82 8.05
C ARG C 25 -1.88 -4.34 8.34
N LYS C 26 -1.31 -3.85 9.44
CA LYS C 26 -1.32 -2.43 9.78
C LYS C 26 0.08 -1.88 9.53
N TYR C 27 0.45 -1.79 8.25
CA TYR C 27 1.82 -1.46 7.88
C TYR C 27 2.26 -0.07 8.33
N PRO C 28 1.43 0.98 8.28
CA PRO C 28 1.87 2.26 8.87
C PRO C 28 2.19 2.14 10.35
N GLU C 29 1.36 1.40 11.10
CA GLU C 29 1.61 1.26 12.53
C GLU C 29 2.87 0.45 12.78
N ALA C 30 3.08 -0.63 12.02
CA ALA C 30 4.28 -1.45 12.20
C ALA C 30 5.54 -0.64 11.94
N ALA C 31 5.54 0.18 10.88
CA ALA C 31 6.70 1.01 10.56
C ALA C 31 7.00 2.00 11.68
N ALA C 32 5.96 2.51 12.34
CA ALA C 32 6.16 3.44 13.45
C ALA C 32 6.76 2.74 14.65
N CYS C 33 6.33 1.50 14.93
CA CYS C 33 6.94 0.73 16.01
C CYS C 33 8.41 0.49 15.74
N TYR C 34 8.75 0.10 14.49
CA TYR C 34 10.15 -0.11 14.14
C TYR C 34 10.94 1.19 14.25
N GLY C 35 10.31 2.32 13.93
CA GLY C 35 10.99 3.60 14.08
C GLY C 35 11.33 3.91 15.53
N ARG C 36 10.42 3.59 16.45
CA ARG C 36 10.68 3.82 17.87
C ARG C 36 11.72 2.84 18.40
N ALA C 37 11.73 1.60 17.89
CA ALA C 37 12.82 0.68 18.21
C ALA C 37 14.16 1.29 17.79
N ILE C 38 14.22 1.84 16.59
CA ILE C 38 15.45 2.40 16.05
C ILE C 38 15.94 3.54 16.95
N THR C 39 15.03 4.36 17.44
CA THR C 39 15.41 5.43 18.35
C THR C 39 16.06 4.87 19.61
N ARG C 40 15.51 3.78 20.15
CA ARG C 40 16.08 3.16 21.35
C ARG C 40 17.44 2.53 21.05
N ASN C 41 17.60 1.95 19.87
CA ASN C 41 18.85 1.29 19.49
C ASN C 41 18.96 1.33 17.98
N PRO C 42 19.69 2.30 17.43
CA PRO C 42 19.78 2.46 15.98
C PRO C 42 20.75 1.51 15.29
N LEU C 43 21.32 0.55 16.02
CA LEU C 43 22.39 -0.30 15.49
C LEU C 43 21.95 -1.74 15.28
N VAL C 44 20.65 -2.00 15.19
CA VAL C 44 20.13 -3.34 14.97
C VAL C 44 19.54 -3.39 13.56
N ALA C 45 20.18 -4.17 12.68
CA ALA C 45 19.83 -4.13 11.27
C ALA C 45 18.39 -4.56 11.02
N VAL C 46 17.89 -5.54 11.78
CA VAL C 46 16.59 -6.11 11.46
C VAL C 46 15.48 -5.08 11.64
N TYR C 47 15.68 -4.07 12.50
CA TYR C 47 14.69 -2.99 12.60
C TYR C 47 14.51 -2.30 11.26
N TYR C 48 15.61 -2.11 10.52
CA TYR C 48 15.55 -1.40 9.25
C TYR C 48 14.96 -2.26 8.15
N THR C 49 15.45 -3.50 8.01
CA THR C 49 14.89 -4.38 6.98
C THR C 49 13.40 -4.59 7.20
N ASN C 50 12.98 -4.76 8.45
CA ASN C 50 11.56 -5.00 8.72
C ASN C 50 10.73 -3.77 8.39
N ARG C 51 11.23 -2.58 8.72
CA ARG C 51 10.52 -1.36 8.33
C ARG C 51 10.51 -1.19 6.82
N ALA C 52 11.61 -1.56 6.16
CA ALA C 52 11.64 -1.52 4.69
C ALA C 52 10.56 -2.42 4.11
N LEU C 53 10.42 -3.63 4.67
CA LEU C 53 9.36 -4.53 4.23
C LEU C 53 8.00 -3.88 4.37
N CYS C 54 7.78 -3.12 5.46
CA CYS C 54 6.56 -2.34 5.57
C CYS C 54 6.41 -1.39 4.40
N TYR C 55 7.49 -0.70 4.04
CA TYR C 55 7.44 0.27 2.96
C TYR C 55 7.18 -0.39 1.62
N LEU C 56 7.69 -1.61 1.39
CA LEU C 56 7.33 -2.34 0.18
C LEU C 56 5.83 -2.58 0.11
N LYS C 57 5.24 -3.09 1.19
CA LYS C 57 3.80 -3.35 1.19
C LYS C 57 3.02 -2.08 0.93
N MET C 58 3.43 -0.96 1.52
CA MET C 58 2.76 0.32 1.32
C MET C 58 3.09 0.97 -0.01
N GLN C 59 3.90 0.31 -0.85
CA GLN C 59 4.28 0.84 -2.17
C GLN C 59 5.03 2.16 -2.06
N GLN C 60 5.80 2.34 -0.98
CA GLN C 60 6.69 3.50 -0.82
C GLN C 60 8.10 3.02 -1.09
N HIS C 61 8.43 2.89 -2.38
CA HIS C 61 9.63 2.16 -2.79
C HIS C 61 10.91 2.92 -2.45
N GLU C 62 10.92 4.25 -2.55
CA GLU C 62 12.09 5.00 -2.13
C GLU C 62 12.38 4.78 -0.65
N GLN C 63 11.34 4.88 0.17
CA GLN C 63 11.48 4.66 1.61
C GLN C 63 12.06 3.28 1.90
N ALA C 64 11.66 2.27 1.12
CA ALA C 64 12.15 0.91 1.34
C ALA C 64 13.61 0.75 0.89
N LEU C 65 13.97 1.37 -0.24
CA LEU C 65 15.37 1.42 -0.64
C LEU C 65 16.25 1.94 0.49
N ALA C 66 15.84 3.05 1.11
CA ALA C 66 16.68 3.70 2.11
C ALA C 66 16.91 2.78 3.31
N ASP C 67 15.87 2.12 3.79
CA ASP C 67 16.03 1.27 4.96
C ASP C 67 16.88 0.04 4.63
N CYS C 68 16.72 -0.51 3.42
CA CYS C 68 17.59 -1.60 3.00
C CYS C 68 19.05 -1.15 2.96
N ARG C 69 19.30 0.06 2.46
CA ARG C 69 20.67 0.57 2.42
C ARG C 69 21.22 0.78 3.83
N ARG C 70 20.37 1.25 4.75
CA ARG C 70 20.81 1.45 6.12
C ARG C 70 21.18 0.14 6.79
N ALA C 71 20.42 -0.93 6.53
CA ALA C 71 20.76 -2.23 7.08
C ALA C 71 22.07 -2.76 6.49
N LEU C 72 22.28 -2.56 5.19
CA LEU C 72 23.51 -3.03 4.55
C LEU C 72 24.74 -2.30 5.08
N GLU C 73 24.57 -1.08 5.59
CA GLU C 73 25.68 -0.43 6.28
C GLU C 73 25.99 -1.11 7.60
N LEU C 74 24.96 -1.61 8.29
CA LEU C 74 25.17 -2.31 9.54
C LEU C 74 25.63 -3.74 9.34
N ASP C 75 25.25 -4.36 8.22
CA ASP C 75 25.61 -5.76 7.95
C ASP C 75 25.67 -5.93 6.44
N GLY C 76 26.87 -5.74 5.88
CA GLY C 76 27.04 -5.88 4.44
C GLY C 76 26.82 -7.28 3.92
N GLN C 77 26.78 -8.28 4.80
CA GLN C 77 26.59 -9.68 4.41
C GLN C 77 25.15 -10.14 4.59
N SER C 78 24.24 -9.23 4.91
CA SER C 78 22.86 -9.61 5.20
C SER C 78 22.20 -10.20 3.96
N VAL C 79 21.90 -11.50 4.01
CA VAL C 79 21.10 -12.12 2.95
C VAL C 79 19.74 -11.44 2.87
N LYS C 80 19.13 -11.18 4.03
CA LYS C 80 17.77 -10.63 4.08
C LYS C 80 17.72 -9.23 3.49
N ALA C 81 18.71 -8.39 3.79
CA ALA C 81 18.69 -7.02 3.27
C ALA C 81 18.86 -7.00 1.76
N HIS C 82 19.76 -7.83 1.24
CA HIS C 82 19.92 -7.94 -0.21
C HIS C 82 18.65 -8.46 -0.87
N PHE C 83 17.99 -9.44 -0.25
CA PHE C 83 16.78 -10.00 -0.85
C PHE C 83 15.65 -8.98 -0.88
N PHE C 84 15.48 -8.22 0.21
CA PHE C 84 14.47 -7.17 0.22
C PHE C 84 14.84 -6.06 -0.75
N LEU C 85 16.14 -5.74 -0.84
CA LEU C 85 16.60 -4.74 -1.79
C LEU C 85 16.37 -5.21 -3.22
N GLY C 86 16.73 -6.45 -3.52
CA GLY C 86 16.46 -7.01 -4.84
C GLY C 86 14.98 -7.01 -5.16
N GLN C 87 14.16 -7.45 -4.21
CA GLN C 87 12.71 -7.44 -4.40
C GLN C 87 12.21 -6.04 -4.74
N CYS C 88 12.57 -5.06 -3.91
CA CYS C 88 12.06 -3.70 -4.09
C CYS C 88 12.41 -3.16 -5.46
N GLN C 89 13.66 -3.35 -5.88
CA GLN C 89 14.08 -2.87 -7.19
C GLN C 89 13.38 -3.59 -8.33
N LEU C 90 12.87 -4.80 -8.10
CA LEU C 90 12.12 -5.50 -9.13
C LEU C 90 10.79 -4.79 -9.41
N GLU C 91 10.15 -4.28 -8.36
CA GLU C 91 8.87 -3.59 -8.56
C GLU C 91 9.05 -2.25 -9.26
N MET C 92 10.19 -1.59 -9.07
CA MET C 92 10.46 -0.31 -9.72
C MET C 92 10.95 -0.47 -11.15
N GLU C 93 10.74 -1.63 -11.78
CA GLU C 93 11.18 -1.92 -13.14
C GLU C 93 12.69 -1.71 -13.31
N SER C 94 13.44 -1.73 -12.21
CA SER C 94 14.89 -1.64 -12.26
C SER C 94 15.52 -3.02 -12.36
N TYR C 95 15.07 -3.78 -13.37
CA TYR C 95 15.40 -5.20 -13.49
C TYR C 95 16.88 -5.47 -13.24
N ASP C 96 17.76 -4.72 -13.90
CA ASP C 96 19.19 -4.99 -13.84
C ASP C 96 19.73 -4.91 -12.42
N GLU C 97 19.17 -4.02 -11.58
CA GLU C 97 19.62 -3.92 -10.20
C GLU C 97 19.06 -5.08 -9.38
N ALA C 98 17.77 -5.37 -9.52
CA ALA C 98 17.11 -6.41 -8.74
C ALA C 98 17.83 -7.75 -8.89
N ILE C 99 18.10 -8.15 -10.13
CA ILE C 99 18.74 -9.43 -10.39
C ILE C 99 20.18 -9.47 -9.88
N ALA C 100 20.86 -8.33 -9.81
CA ALA C 100 22.19 -8.32 -9.21
C ALA C 100 22.12 -8.52 -7.71
N ASN C 101 21.22 -7.80 -7.03
CA ASN C 101 21.08 -7.93 -5.59
C ASN C 101 20.46 -9.28 -5.22
N LEU C 102 19.47 -9.73 -5.98
CA LEU C 102 18.93 -11.07 -5.75
C LEU C 102 20.01 -12.13 -5.91
N GLN C 103 20.93 -11.93 -6.85
CA GLN C 103 22.02 -12.87 -7.04
C GLN C 103 22.98 -12.86 -5.85
N ARG C 104 23.28 -11.68 -5.31
CA ARG C 104 24.24 -11.67 -4.21
C ARG C 104 23.63 -12.23 -2.94
N ALA C 105 22.33 -12.08 -2.75
CA ALA C 105 21.67 -12.80 -1.66
C ALA C 105 21.89 -14.30 -1.78
N TYR C 106 22.00 -14.80 -3.01
CA TYR C 106 22.06 -16.25 -3.24
C TYR C 106 23.42 -16.82 -2.86
N SER C 107 24.51 -16.21 -3.35
CA SER C 107 25.83 -16.73 -2.96
C SER C 107 26.12 -16.45 -1.50
N LEU C 108 25.60 -15.35 -0.95
CA LEU C 108 25.73 -15.10 0.48
C LEU C 108 25.02 -16.17 1.30
N ALA C 109 23.82 -16.56 0.87
CA ALA C 109 23.13 -17.67 1.52
C ALA C 109 23.90 -18.97 1.35
N LYS C 110 24.47 -19.19 0.16
CA LYS C 110 25.39 -20.30 -0.05
C LYS C 110 26.51 -20.30 0.98
N GLU C 111 27.32 -19.23 0.96
CA GLU C 111 28.51 -19.17 1.80
C GLU C 111 28.19 -19.32 3.28
N GLN C 112 27.04 -18.82 3.71
CA GLN C 112 26.62 -18.93 5.10
C GLN C 112 25.87 -20.23 5.40
N ARG C 113 25.53 -21.01 4.37
CA ARG C 113 24.90 -22.33 4.53
C ARG C 113 23.58 -22.23 5.29
N LEU C 114 22.69 -21.40 4.77
CA LEU C 114 21.42 -21.10 5.41
C LEU C 114 20.30 -21.95 4.84
N ASN C 115 19.38 -22.37 5.71
CA ASN C 115 18.30 -23.28 5.34
C ASN C 115 17.04 -22.49 4.96
N PHE C 116 17.20 -21.59 3.99
CA PHE C 116 16.09 -20.75 3.56
C PHE C 116 15.12 -21.52 2.68
N GLY C 117 15.62 -22.11 1.61
CA GLY C 117 14.79 -22.79 0.63
C GLY C 117 14.89 -22.13 -0.73
N ASP C 118 14.05 -22.61 -1.64
CA ASP C 118 14.08 -22.16 -3.03
C ASP C 118 13.44 -20.78 -3.17
N ASP C 119 13.47 -19.99 -2.11
CA ASP C 119 12.68 -18.76 -2.09
C ASP C 119 13.45 -17.58 -2.68
N ILE C 120 14.77 -17.63 -2.69
CA ILE C 120 15.58 -16.62 -3.39
C ILE C 120 15.69 -16.98 -4.86
N PRO C 121 16.05 -18.23 -5.22
CA PRO C 121 16.00 -18.59 -6.65
C PRO C 121 14.65 -18.33 -7.31
N SER C 122 13.55 -18.55 -6.59
CA SER C 122 12.24 -18.27 -7.17
C SER C 122 12.14 -16.80 -7.59
N ALA C 123 12.41 -15.89 -6.64
CA ALA C 123 12.40 -14.47 -6.97
C ALA C 123 13.41 -14.14 -8.06
N LEU C 124 14.55 -14.84 -8.10
CA LEU C 124 15.57 -14.56 -9.11
C LEU C 124 15.10 -14.98 -10.49
N ARG C 125 14.47 -16.15 -10.61
CA ARG C 125 13.96 -16.59 -11.90
C ARG C 125 12.85 -15.67 -12.38
N ILE C 126 11.88 -15.37 -11.50
CA ILE C 126 10.78 -14.49 -11.87
C ILE C 126 11.29 -13.12 -12.24
N ALA C 127 12.35 -12.63 -11.58
CA ALA C 127 12.90 -11.33 -11.91
C ALA C 127 13.57 -11.35 -13.28
N LYS C 128 14.33 -12.41 -13.58
CA LYS C 128 15.04 -12.46 -14.85
C LYS C 128 14.08 -12.63 -16.02
N LYS C 129 13.00 -13.40 -15.83
CA LYS C 129 12.06 -13.64 -16.91
C LYS C 129 10.96 -12.59 -17.00
N LYS C 130 10.76 -11.80 -15.94
CA LYS C 130 9.99 -10.56 -16.09
C LYS C 130 10.78 -9.52 -16.86
N ARG C 131 12.11 -9.63 -16.86
CA ARG C 131 12.95 -8.71 -17.63
C ARG C 131 12.78 -8.93 -19.13
N TRP C 132 12.74 -10.20 -19.56
CA TRP C 132 12.68 -10.50 -20.98
C TRP C 132 11.38 -10.05 -21.63
N ASN C 133 10.33 -9.84 -20.85
CA ASN C 133 9.09 -9.28 -21.38
C ASN C 133 9.33 -7.83 -21.81
N SER C 134 9.56 -6.94 -20.85
CA SER C 134 9.93 -5.57 -21.14
C SER C 134 11.41 -5.49 -21.51
N ILE C 135 11.82 -6.30 -22.47
CA ILE C 135 13.21 -6.35 -22.89
C ILE C 135 13.55 -5.14 -23.75
N SER D 8 3.44 -10.00 -18.25
CA SER D 8 3.02 -8.70 -17.76
C SER D 8 1.56 -8.43 -18.09
N PRO D 9 0.70 -8.45 -17.08
CA PRO D 9 -0.73 -8.22 -17.30
C PRO D 9 -1.01 -6.79 -17.76
N SER D 10 -2.26 -6.56 -18.14
CA SER D 10 -2.72 -5.25 -18.58
C SER D 10 -3.33 -4.49 -17.40
N ALA D 11 -3.51 -3.18 -17.62
CA ALA D 11 -4.04 -2.32 -16.56
C ALA D 11 -5.43 -2.78 -16.13
N GLN D 12 -6.29 -3.08 -17.10
CA GLN D 12 -7.63 -3.59 -16.78
C GLN D 12 -7.54 -4.87 -15.95
N GLU D 13 -6.64 -5.77 -16.34
CA GLU D 13 -6.45 -7.02 -15.60
C GLU D 13 -5.95 -6.74 -14.18
N LEU D 14 -5.05 -5.77 -14.02
CA LEU D 14 -4.57 -5.44 -12.68
C LEU D 14 -5.69 -4.84 -11.86
N LYS D 15 -6.51 -4.02 -12.51
CA LYS D 15 -7.66 -3.44 -11.83
C LYS D 15 -8.68 -4.50 -11.38
N GLU D 16 -8.80 -5.58 -12.15
CA GLU D 16 -9.71 -6.65 -11.77
C GLU D 16 -9.12 -7.49 -10.65
N GLN D 17 -7.81 -7.77 -10.72
CA GLN D 17 -7.13 -8.36 -9.57
C GLN D 17 -7.33 -7.53 -8.31
N GLY D 18 -7.18 -6.21 -8.43
CA GLY D 18 -7.38 -5.34 -7.28
C GLY D 18 -8.81 -5.35 -6.77
N ASN D 19 -9.78 -5.46 -7.68
CA ASN D 19 -11.18 -5.53 -7.26
C ASN D 19 -11.44 -6.80 -6.46
N ARG D 20 -10.79 -7.91 -6.83
CA ARG D 20 -10.98 -9.15 -6.10
C ARG D 20 -10.28 -9.11 -4.75
N LEU D 21 -9.04 -8.62 -4.73
CA LEU D 21 -8.31 -8.49 -3.47
C LEU D 21 -9.05 -7.59 -2.48
N PHE D 22 -9.73 -6.56 -2.99
CA PHE D 22 -10.55 -5.72 -2.12
C PHE D 22 -11.63 -6.52 -1.43
N VAL D 23 -12.35 -7.36 -2.18
CA VAL D 23 -13.40 -8.18 -1.60
C VAL D 23 -12.80 -9.22 -0.65
N GLY D 24 -11.57 -9.65 -0.89
CA GLY D 24 -10.90 -10.57 0.01
C GLY D 24 -10.15 -9.91 1.15
N ARG D 25 -10.57 -8.71 1.53
CA ARG D 25 -9.94 -7.90 2.59
C ARG D 25 -8.42 -7.81 2.48
N LYS D 26 -7.84 -7.82 1.29
CA LYS D 26 -6.40 -7.62 1.16
C LYS D 26 -6.14 -6.23 0.61
N TYR D 27 -6.47 -5.22 1.44
CA TYR D 27 -6.46 -3.83 0.99
C TYR D 27 -5.09 -3.34 0.54
N PRO D 28 -4.00 -3.52 1.31
CA PRO D 28 -2.69 -3.09 0.76
C PRO D 28 -2.32 -3.82 -0.50
N GLU D 29 -2.59 -5.13 -0.58
CA GLU D 29 -2.37 -5.86 -1.82
C GLU D 29 -3.27 -5.33 -2.93
N ALA D 30 -4.52 -5.00 -2.60
CA ALA D 30 -5.41 -4.38 -3.58
C ALA D 30 -4.89 -3.02 -4.01
N ALA D 31 -4.49 -2.19 -3.03
CA ALA D 31 -3.91 -0.89 -3.36
C ALA D 31 -2.70 -1.04 -4.28
N ALA D 32 -1.92 -2.10 -4.08
CA ALA D 32 -0.72 -2.29 -4.90
C ALA D 32 -1.09 -2.62 -6.35
N CYS D 33 -2.16 -3.38 -6.56
CA CYS D 33 -2.55 -3.72 -7.92
C CYS D 33 -3.05 -2.49 -8.67
N TYR D 34 -3.83 -1.64 -8.00
CA TYR D 34 -4.27 -0.40 -8.63
C TYR D 34 -3.07 0.48 -8.98
N GLY D 35 -2.09 0.54 -8.08
CA GLY D 35 -0.88 1.31 -8.36
C GLY D 35 -0.17 0.83 -9.61
N ARG D 36 -0.15 -0.49 -9.84
CA ARG D 36 0.49 -1.01 -11.04
C ARG D 36 -0.35 -0.79 -12.28
N ALA D 37 -1.68 -0.73 -12.14
CA ALA D 37 -2.51 -0.35 -13.27
C ALA D 37 -2.29 1.12 -13.64
N ILE D 38 -2.13 1.97 -12.62
CA ILE D 38 -1.85 3.39 -12.85
C ILE D 38 -0.52 3.55 -13.58
N THR D 39 0.49 2.77 -13.19
CA THR D 39 1.75 2.79 -13.94
C THR D 39 1.53 2.43 -15.40
N ARG D 40 0.73 1.39 -15.69
CA ARG D 40 0.41 1.08 -17.07
C ARG D 40 -0.44 2.16 -17.72
N ASN D 41 -1.46 2.66 -17.01
CA ASN D 41 -2.36 3.70 -17.52
C ASN D 41 -2.65 4.69 -16.40
N PRO D 42 -1.94 5.82 -16.37
CA PRO D 42 -2.19 6.81 -15.31
C PRO D 42 -3.41 7.68 -15.56
N LEU D 43 -4.15 7.46 -16.65
CA LEU D 43 -5.20 8.38 -17.07
C LEU D 43 -6.60 7.84 -16.85
N VAL D 44 -6.76 6.70 -16.18
CA VAL D 44 -8.07 6.13 -15.90
C VAL D 44 -8.41 6.46 -14.45
N ALA D 45 -9.45 7.27 -14.26
CA ALA D 45 -9.74 7.84 -12.95
C ALA D 45 -10.14 6.78 -11.93
N VAL D 46 -10.77 5.69 -12.38
CA VAL D 46 -11.32 4.73 -11.42
C VAL D 46 -10.23 3.92 -10.72
N TYR D 47 -9.05 3.81 -11.34
CA TYR D 47 -7.92 3.22 -10.64
C TYR D 47 -7.61 3.99 -9.36
N TYR D 48 -7.74 5.33 -9.42
CA TYR D 48 -7.42 6.16 -8.27
C TYR D 48 -8.52 6.09 -7.22
N THR D 49 -9.79 6.19 -7.63
CA THR D 49 -10.87 6.13 -6.66
C THR D 49 -10.91 4.77 -5.97
N ASN D 50 -10.63 3.70 -6.72
CA ASN D 50 -10.64 2.38 -6.10
C ASN D 50 -9.46 2.23 -5.12
N ARG D 51 -8.32 2.82 -5.44
CA ARG D 51 -7.23 2.82 -4.47
C ARG D 51 -7.60 3.68 -3.26
N ALA D 52 -8.38 4.73 -3.46
CA ALA D 52 -8.86 5.53 -2.32
C ALA D 52 -9.72 4.70 -1.39
N LEU D 53 -10.48 3.73 -1.94
CA LEU D 53 -11.24 2.81 -1.10
C LEU D 53 -10.33 2.00 -0.22
N CYS D 54 -9.30 1.40 -0.83
CA CYS D 54 -8.30 0.66 -0.07
C CYS D 54 -7.81 1.50 1.10
N TYR D 55 -7.39 2.73 0.82
CA TYR D 55 -6.88 3.60 1.89
C TYR D 55 -7.97 3.95 2.90
N LEU D 56 -9.19 4.12 2.45
CA LEU D 56 -10.26 4.50 3.33
C LEU D 56 -10.67 3.38 4.26
N LYS D 57 -10.55 2.15 3.78
CA LYS D 57 -10.86 0.98 4.60
C LYS D 57 -9.75 0.81 5.63
N MET D 58 -8.53 1.21 5.25
CA MET D 58 -7.39 1.12 6.11
C MET D 58 -7.18 2.33 6.96
N GLN D 59 -8.21 3.16 7.14
CA GLN D 59 -8.16 4.33 8.01
C GLN D 59 -7.02 5.31 7.69
N GLN D 60 -6.37 5.16 6.53
CA GLN D 60 -5.35 6.10 6.10
C GLN D 60 -6.01 7.26 5.35
N HIS D 61 -6.71 8.09 6.12
CA HIS D 61 -7.56 9.12 5.54
C HIS D 61 -6.79 10.08 4.64
N GLU D 62 -5.51 10.31 4.95
CA GLU D 62 -4.74 11.27 4.16
C GLU D 62 -4.59 10.82 2.72
N GLN D 63 -4.07 9.60 2.52
CA GLN D 63 -3.83 9.13 1.15
C GLN D 63 -5.12 8.88 0.39
N ALA D 64 -6.22 8.62 1.10
CA ALA D 64 -7.52 8.51 0.46
C ALA D 64 -7.94 9.83 -0.19
N LEU D 65 -7.83 10.92 0.57
CA LEU D 65 -7.93 12.28 0.01
C LEU D 65 -7.07 12.46 -1.23
N ALA D 66 -5.78 12.12 -1.13
CA ALA D 66 -4.88 12.40 -2.25
C ALA D 66 -5.36 11.71 -3.53
N ASP D 67 -5.82 10.47 -3.42
CA ASP D 67 -6.25 9.75 -4.61
C ASP D 67 -7.59 10.25 -5.12
N CYS D 68 -8.47 10.73 -4.23
CA CYS D 68 -9.75 11.25 -4.69
C CYS D 68 -9.56 12.51 -5.53
N ARG D 69 -8.58 13.35 -5.19
CA ARG D 69 -8.38 14.58 -5.96
C ARG D 69 -7.67 14.28 -7.27
N ARG D 70 -6.85 13.23 -7.28
CA ARG D 70 -6.20 12.81 -8.52
C ARG D 70 -7.23 12.35 -9.53
N ALA D 71 -8.20 11.53 -9.10
CA ALA D 71 -9.28 11.15 -9.99
C ALA D 71 -10.13 12.36 -10.38
N LEU D 72 -10.34 13.29 -9.44
CA LEU D 72 -11.09 14.50 -9.75
C LEU D 72 -10.36 15.41 -10.73
N GLU D 73 -9.04 15.24 -10.87
CA GLU D 73 -8.33 15.93 -11.94
C GLU D 73 -8.63 15.30 -13.30
N LEU D 74 -8.83 13.98 -13.33
CA LEU D 74 -9.16 13.29 -14.57
C LEU D 74 -10.64 13.39 -14.90
N ASP D 75 -11.49 13.65 -13.90
CA ASP D 75 -12.95 13.64 -14.12
C ASP D 75 -13.55 14.51 -13.00
N GLY D 76 -13.59 15.82 -13.23
CA GLY D 76 -14.24 16.73 -12.32
C GLY D 76 -15.73 16.59 -12.23
N GLN D 77 -16.30 15.65 -13.00
CA GLN D 77 -17.73 15.35 -13.03
C GLN D 77 -18.05 14.03 -12.34
N SER D 78 -17.17 13.54 -11.48
CA SER D 78 -17.31 12.20 -10.91
C SER D 78 -18.17 12.26 -9.65
N VAL D 79 -19.28 11.53 -9.67
CA VAL D 79 -20.05 11.34 -8.44
C VAL D 79 -19.30 10.42 -7.49
N LYS D 80 -18.73 9.33 -8.02
CA LYS D 80 -17.95 8.39 -7.21
C LYS D 80 -16.85 9.11 -6.44
N ALA D 81 -16.04 9.90 -7.14
CA ALA D 81 -14.91 10.55 -6.50
C ALA D 81 -15.36 11.60 -5.49
N HIS D 82 -16.42 12.36 -5.80
CA HIS D 82 -16.92 13.34 -4.84
C HIS D 82 -17.54 12.65 -3.62
N PHE D 83 -18.26 11.54 -3.84
CA PHE D 83 -18.84 10.81 -2.72
C PHE D 83 -17.77 10.35 -1.74
N PHE D 84 -16.72 9.72 -2.27
CA PHE D 84 -15.68 9.14 -1.44
C PHE D 84 -14.90 10.20 -0.69
N LEU D 85 -14.58 11.30 -1.38
CA LEU D 85 -13.98 12.44 -0.71
C LEU D 85 -14.85 12.94 0.45
N GLY D 86 -16.17 12.96 0.24
CA GLY D 86 -17.06 13.41 1.29
C GLY D 86 -17.10 12.47 2.48
N GLN D 87 -17.07 11.16 2.23
CA GLN D 87 -17.05 10.20 3.33
C GLN D 87 -15.73 10.26 4.08
N CYS D 88 -14.61 10.41 3.36
CA CYS D 88 -13.32 10.47 4.02
C CYS D 88 -13.19 11.71 4.90
N GLN D 89 -13.62 12.87 4.40
CA GLN D 89 -13.58 14.08 5.21
C GLN D 89 -14.44 13.95 6.45
N LEU D 90 -15.55 13.21 6.35
CA LEU D 90 -16.36 12.89 7.52
C LEU D 90 -15.58 12.09 8.56
N GLU D 91 -14.90 11.03 8.14
CA GLU D 91 -14.10 10.28 9.12
C GLU D 91 -12.99 11.13 9.70
N MET D 92 -12.59 12.20 9.01
CA MET D 92 -11.64 13.17 9.52
C MET D 92 -12.32 14.31 10.29
N GLU D 93 -13.64 14.22 10.48
CA GLU D 93 -14.44 15.19 11.24
C GLU D 93 -14.39 16.59 10.65
N SER D 94 -14.05 16.72 9.37
CA SER D 94 -14.19 17.99 8.66
C SER D 94 -15.58 18.01 8.00
N TYR D 95 -16.60 18.18 8.86
CA TYR D 95 -17.98 18.09 8.39
C TYR D 95 -18.28 19.14 7.33
N ASP D 96 -17.79 20.37 7.53
CA ASP D 96 -18.00 21.43 6.56
C ASP D 96 -17.48 21.02 5.18
N GLU D 97 -16.20 20.65 5.13
CA GLU D 97 -15.63 20.02 3.95
C GLU D 97 -16.53 18.89 3.44
N ALA D 98 -16.98 18.04 4.37
CA ALA D 98 -17.62 16.78 4.00
C ALA D 98 -19.00 17.01 3.41
N ILE D 99 -19.86 17.76 4.11
CA ILE D 99 -21.22 17.95 3.60
C ILE D 99 -21.18 18.68 2.28
N ALA D 100 -20.17 19.51 2.06
CA ALA D 100 -20.02 20.19 0.78
C ALA D 100 -19.86 19.18 -0.35
N ASN D 101 -18.88 18.29 -0.23
CA ASN D 101 -18.61 17.35 -1.32
C ASN D 101 -19.68 16.27 -1.40
N LEU D 102 -20.28 15.90 -0.27
CA LEU D 102 -21.42 14.98 -0.31
C LEU D 102 -22.59 15.63 -1.04
N GLN D 103 -22.89 16.89 -0.72
CA GLN D 103 -23.88 17.64 -1.49
C GLN D 103 -23.48 17.73 -2.95
N ARG D 104 -22.21 18.07 -3.21
CA ARG D 104 -21.72 18.12 -4.58
C ARG D 104 -21.95 16.80 -5.30
N ALA D 105 -21.68 15.68 -4.61
CA ALA D 105 -21.97 14.37 -5.20
C ALA D 105 -23.46 14.19 -5.47
N TYR D 106 -24.31 14.78 -4.64
CA TYR D 106 -25.75 14.72 -4.89
C TYR D 106 -26.14 15.64 -6.04
N SER D 107 -25.64 16.88 -6.04
CA SER D 107 -25.94 17.81 -7.12
C SER D 107 -25.48 17.27 -8.46
N LEU D 108 -24.31 16.64 -8.49
CA LEU D 108 -23.90 15.90 -9.70
C LEU D 108 -24.81 14.72 -9.97
N ALA D 109 -25.30 14.06 -8.92
CA ALA D 109 -26.14 12.88 -9.13
C ALA D 109 -27.46 13.25 -9.80
N LYS D 110 -28.02 14.40 -9.46
CA LYS D 110 -29.26 14.85 -10.10
C LYS D 110 -28.97 15.42 -11.49
N GLU D 111 -27.98 16.30 -11.59
CA GLU D 111 -27.63 16.93 -12.86
C GLU D 111 -27.31 15.89 -13.93
N GLN D 112 -26.76 14.75 -13.50
CA GLN D 112 -26.33 13.68 -14.38
C GLN D 112 -27.34 12.57 -14.50
N ARG D 113 -28.40 12.60 -13.68
CA ARG D 113 -29.40 11.56 -13.82
C ARG D 113 -28.81 10.27 -13.26
N LEU D 114 -29.41 9.13 -13.61
CA LEU D 114 -28.93 7.83 -13.16
C LEU D 114 -28.82 7.78 -11.64
N ASN D 115 -29.90 8.17 -10.97
CA ASN D 115 -29.96 8.15 -9.52
C ASN D 115 -30.02 6.71 -9.02
N PHE D 116 -29.16 6.37 -8.07
CA PHE D 116 -29.03 4.99 -7.62
C PHE D 116 -29.09 4.94 -6.09
N GLY D 117 -30.22 4.46 -5.59
CA GLY D 117 -30.40 4.21 -4.17
C GLY D 117 -30.48 5.48 -3.34
N ASP D 118 -30.48 5.26 -2.03
CA ASP D 118 -30.41 6.32 -1.04
C ASP D 118 -28.99 6.51 -0.51
N ASP D 119 -27.99 5.96 -1.20
CA ASP D 119 -26.63 5.93 -0.67
C ASP D 119 -26.08 7.33 -0.45
N ILE D 120 -26.13 8.17 -1.49
CA ILE D 120 -25.67 9.54 -1.35
C ILE D 120 -26.52 10.24 -0.27
N PRO D 121 -27.85 10.34 -0.41
CA PRO D 121 -28.61 11.10 0.59
C PRO D 121 -28.48 10.59 2.03
N SER D 122 -28.27 9.29 2.24
CA SER D 122 -28.06 8.81 3.60
C SER D 122 -26.77 9.39 4.18
N ALA D 123 -25.70 9.39 3.39
CA ALA D 123 -24.45 9.97 3.86
C ALA D 123 -24.58 11.47 4.11
N LEU D 124 -25.47 12.15 3.37
CA LEU D 124 -25.72 13.55 3.65
C LEU D 124 -26.23 13.74 5.07
N ARG D 125 -27.40 13.16 5.37
CA ARG D 125 -28.08 13.45 6.63
C ARG D 125 -27.36 12.84 7.84
N ILE D 126 -26.55 11.79 7.65
CA ILE D 126 -25.73 11.30 8.75
C ILE D 126 -24.59 12.27 9.04
N ALA D 127 -24.04 12.89 7.99
CA ALA D 127 -22.91 13.79 8.18
C ALA D 127 -23.34 15.09 8.84
N LYS D 128 -24.53 15.58 8.53
CA LYS D 128 -25.02 16.80 9.16
C LYS D 128 -25.47 16.55 10.60
N LYS D 129 -25.99 15.36 10.90
CA LYS D 129 -26.35 15.03 12.28
C LYS D 129 -25.11 14.83 13.14
N LYS D 130 -24.04 14.28 12.58
CA LYS D 130 -22.82 14.07 13.36
C LYS D 130 -22.08 15.37 13.64
N ARG D 131 -22.39 16.44 12.91
CA ARG D 131 -21.66 17.70 13.09
C ARG D 131 -21.92 18.30 14.46
N TRP D 132 -23.19 18.38 14.88
CA TRP D 132 -23.50 19.02 16.15
C TRP D 132 -23.38 18.06 17.34
N ASN D 133 -23.17 16.76 17.10
CA ASN D 133 -22.69 15.81 18.10
C ASN D 133 -21.17 15.73 18.20
N SER D 134 -20.45 16.78 17.81
CA SER D 134 -19.01 16.80 17.99
C SER D 134 -18.63 17.65 19.20
#